data_7A61
#
_entry.id   7A61
#
_cell.length_a   60.535
_cell.length_b   80.033
_cell.length_c   56.003
_cell.angle_alpha   90.000
_cell.angle_beta   90.000
_cell.angle_gamma   90.000
#
_symmetry.space_group_name_H-M   'P 21 21 2'
#
loop_
_entity.id
_entity.type
_entity.pdbx_description
1 polymer 'Carbapenem-hydrolyzing beta-lactamase KPC'
2 non-polymer '(2~{R})-2-[(2~{S},3~{R})-1,3-bis(oxidanyl)-1-oxidanylidene-butan-2-yl]-5-butyl-2,3-dihydro-1,3-thiazole-4-carboxylic acid'
3 non-polymer GLYCEROL
4 non-polymer 'SULFATE ION'
5 water water
#
_entity_poly.entity_id   1
_entity_poly.type   'polypeptide(L)'
_entity_poly.pdbx_seq_one_letter_code
;MGSSHHHHHHSSGLVPRGSHMLTNLVAEPFAKLEQDFGGSIGVYAMDTGSGATVSYRAEERFPLCSSFKGFLAAAVLARS
QQQAGLLDTPIRYGKNALVPWSPISEKYLTTGMTVAELSAAAVQYSDNAAANLLLKELGGPAGLTAFMRSIGDTTFRLDR
WQLELNSAIPGDARDTSSPRAVTESLQKLTLGSALAAPQRQQFVDWLKGNTTGNHRIRAAVPADWAVGDKTGTCGVYGTA
NDYAVVWPTGRAPIVLAVYTRAPNKDDKHSEAVIAAAARLALEGLGVNGQ
;
_entity_poly.pdbx_strand_id   A
#
loop_
_chem_comp.id
_chem_comp.type
_chem_comp.name
_chem_comp.formula
GOL non-polymer GLYCEROL 'C3 H8 O3'
R0B non-polymer '(2~{R})-2-[(2~{S},3~{R})-1,3-bis(oxidanyl)-1-oxidanylidene-butan-2-yl]-5-butyl-2,3-dihydro-1,3-thiazole-4-carboxylic acid' 'C12 H19 N O5 S'
SO4 non-polymer 'SULFATE ION' 'O4 S -2'
#
# COMPACT_ATOMS: atom_id res chain seq x y z
N MET A 21 22.77 -16.16 8.16
CA MET A 21 21.65 -15.61 7.41
C MET A 21 20.66 -14.93 8.36
N LEU A 22 19.97 -13.91 7.84
CA LEU A 22 19.29 -12.93 8.70
C LEU A 22 17.77 -12.97 8.60
N THR A 23 17.20 -14.00 7.97
CA THR A 23 15.75 -14.11 7.87
C THR A 23 15.21 -14.98 9.01
N ASN A 24 14.20 -14.46 9.70
CA ASN A 24 13.52 -15.19 10.77
C ASN A 24 14.49 -15.72 11.82
N LEU A 25 15.37 -14.83 12.32
CA LEU A 25 16.26 -15.22 13.41
C LEU A 25 15.46 -15.60 14.66
N VAL A 26 14.27 -15.03 14.83
CA VAL A 26 13.38 -15.27 15.96
C VAL A 26 12.02 -15.68 15.42
N ALA A 27 11.57 -16.89 15.75
CA ALA A 27 10.25 -17.36 15.32
C ALA A 27 9.12 -16.65 16.07
N GLU A 28 8.01 -16.43 15.37
CA GLU A 28 6.81 -15.78 15.90
C GLU A 28 5.57 -16.56 15.49
N PRO A 29 4.51 -16.55 16.32
CA PRO A 29 3.33 -17.43 16.11
C PRO A 29 2.34 -16.91 15.07
N PHE A 30 2.81 -16.74 13.84
CA PHE A 30 1.91 -16.31 12.77
C PHE A 30 0.88 -17.38 12.42
N ALA A 31 1.24 -18.66 12.48
CA ALA A 31 0.29 -19.70 12.12
C ALA A 31 -0.92 -19.71 13.06
N LYS A 32 -0.70 -19.58 14.36
CA LYS A 32 -1.82 -19.53 15.28
C LYS A 32 -2.69 -18.31 15.01
N LEU A 33 -2.07 -17.18 14.71
CA LEU A 33 -2.82 -15.97 14.41
C LEU A 33 -3.74 -16.15 13.20
N GLU A 34 -3.21 -16.71 12.10
CA GLU A 34 -4.07 -16.86 10.92
C GLU A 34 -5.13 -17.94 11.13
N GLN A 35 -4.83 -18.96 11.92
CA GLN A 35 -5.84 -19.98 12.23
C GLN A 35 -6.99 -19.40 13.03
N ASP A 36 -6.69 -18.55 14.01
CA ASP A 36 -7.76 -17.90 14.75
C ASP A 36 -8.58 -16.97 13.85
N PHE A 37 -7.93 -16.31 12.89
CA PHE A 37 -8.61 -15.45 11.92
C PHE A 37 -9.47 -16.26 10.96
N GLY A 38 -9.06 -17.49 10.66
CA GLY A 38 -9.80 -18.31 9.71
C GLY A 38 -9.37 -18.15 8.28
N GLY A 39 -8.13 -17.77 8.03
CA GLY A 39 -7.64 -17.53 6.69
C GLY A 39 -6.13 -17.59 6.64
N SER A 40 -5.57 -16.76 5.75
CA SER A 40 -4.13 -16.71 5.50
C SER A 40 -3.65 -15.29 5.71
N ILE A 41 -2.46 -15.17 6.33
CA ILE A 41 -1.79 -13.89 6.56
C ILE A 41 -0.40 -13.96 5.93
N GLY A 42 -0.05 -12.92 5.20
CA GLY A 42 1.26 -12.78 4.58
C GLY A 42 1.99 -11.55 5.10
N VAL A 43 3.24 -11.73 5.53
CA VAL A 43 4.01 -10.68 6.19
C VAL A 43 5.43 -10.66 5.66
N TYR A 44 5.93 -9.48 5.32
N TYR A 44 5.95 -9.47 5.35
CA TYR A 44 7.34 -9.23 5.12
CA TYR A 44 7.38 -9.28 5.11
C TYR A 44 7.69 -7.96 5.87
C TYR A 44 7.81 -7.95 5.70
N ALA A 45 8.82 -7.98 6.57
CA ALA A 45 9.30 -6.79 7.28
C ALA A 45 10.82 -6.76 7.21
N MET A 46 11.37 -5.59 6.87
N MET A 46 11.36 -5.57 6.97
CA MET A 46 12.80 -5.39 6.71
CA MET A 46 12.79 -5.36 6.71
C MET A 46 13.30 -4.33 7.69
C MET A 46 13.34 -4.30 7.64
N ASP A 47 14.39 -4.64 8.38
CA ASP A 47 15.15 -3.65 9.14
C ASP A 47 16.21 -3.09 8.19
N THR A 48 16.05 -1.84 7.75
CA THR A 48 16.93 -1.29 6.73
C THR A 48 18.34 -1.01 7.26
N GLY A 49 18.57 -1.12 8.56
CA GLY A 49 19.90 -0.93 9.11
C GLY A 49 20.77 -2.15 8.93
N SER A 50 20.28 -3.29 9.44
CA SER A 50 21.05 -4.53 9.43
C SER A 50 20.74 -5.42 8.23
N GLY A 51 19.58 -5.26 7.60
CA GLY A 51 19.14 -6.18 6.58
C GLY A 51 18.36 -7.37 7.10
N ALA A 52 18.16 -7.48 8.40
CA ALA A 52 17.38 -8.58 8.96
C ALA A 52 15.91 -8.46 8.54
N THR A 53 15.26 -9.62 8.37
CA THR A 53 13.89 -9.67 7.89
C THR A 53 13.06 -10.66 8.71
N VAL A 54 11.74 -10.41 8.70
CA VAL A 54 10.71 -11.34 9.15
C VAL A 54 9.86 -11.68 7.94
N SER A 55 9.58 -12.97 7.75
N SER A 55 9.64 -12.97 7.70
CA SER A 55 8.96 -13.44 6.53
CA SER A 55 8.92 -13.40 6.50
C SER A 55 8.01 -14.59 6.81
C SER A 55 8.00 -14.57 6.82
N TYR A 56 6.74 -14.43 6.44
CA TYR A 56 5.73 -15.47 6.62
C TYR A 56 4.78 -15.40 5.43
N ARG A 57 4.71 -16.48 4.65
CA ARG A 57 3.95 -16.50 3.39
C ARG A 57 4.30 -15.31 2.50
N ALA A 58 5.56 -14.90 2.53
CA ALA A 58 5.95 -13.61 1.98
C ALA A 58 5.99 -13.58 0.46
N GLU A 59 6.13 -14.74 -0.19
CA GLU A 59 6.13 -14.81 -1.65
C GLU A 59 4.82 -15.31 -2.23
N GLU A 60 3.77 -15.50 -1.42
CA GLU A 60 2.45 -15.80 -1.93
C GLU A 60 1.79 -14.54 -2.48
N ARG A 61 0.90 -14.72 -3.45
CA ARG A 61 0.11 -13.61 -3.97
C ARG A 61 -1.12 -13.35 -3.12
N PHE A 62 -1.41 -12.06 -2.90
CA PHE A 62 -2.60 -11.61 -2.22
C PHE A 62 -3.19 -10.46 -3.04
N PRO A 63 -4.53 -10.28 -3.03
CA PRO A 63 -5.12 -9.13 -3.73
C PRO A 63 -4.60 -7.80 -3.19
N LEU A 64 -4.33 -6.87 -4.12
CA LEU A 64 -3.92 -5.52 -3.74
C LEU A 64 -5.06 -4.72 -3.12
N CYS A 65 -6.29 -4.90 -3.64
CA CYS A 65 -7.40 -4.03 -3.32
C CYS A 65 -6.93 -2.58 -3.53
N SER A 66 -7.37 -1.64 -2.67
CA SER A 66 -7.03 -0.24 -2.85
C SER A 66 -5.56 0.08 -2.61
N SER A 67 -4.75 -0.88 -2.13
CA SER A 67 -3.36 -0.58 -1.83
C SER A 67 -2.55 -0.25 -3.09
N PHE A 68 -3.06 -0.56 -4.28
CA PHE A 68 -2.37 -0.13 -5.49
C PHE A 68 -2.24 1.38 -5.59
N LYS A 69 -3.11 2.13 -4.89
CA LYS A 69 -3.16 3.57 -5.06
C LYS A 69 -1.91 4.25 -4.54
N GLY A 70 -1.23 3.68 -3.55
CA GLY A 70 0.04 4.26 -3.14
C GLY A 70 1.08 4.21 -4.24
N PHE A 71 1.20 3.06 -4.92
CA PHE A 71 2.15 2.96 -6.02
C PHE A 71 1.73 3.83 -7.20
N LEU A 72 0.42 4.02 -7.39
CA LEU A 72 -0.08 4.94 -8.41
C LEU A 72 0.43 6.35 -8.18
N ALA A 73 0.33 6.83 -6.94
CA ALA A 73 0.81 8.17 -6.61
C ALA A 73 2.32 8.29 -6.84
N ALA A 74 3.07 7.22 -6.53
CA ALA A 74 4.51 7.24 -6.80
C ALA A 74 4.79 7.34 -8.30
N ALA A 75 3.99 6.63 -9.12
CA ALA A 75 4.17 6.70 -10.57
C ALA A 75 3.90 8.10 -11.11
N VAL A 76 2.89 8.78 -10.55
CA VAL A 76 2.62 10.17 -10.91
C VAL A 76 3.82 11.05 -10.57
N LEU A 77 4.36 10.87 -9.37
CA LEU A 77 5.54 11.65 -8.97
C LEU A 77 6.74 11.38 -9.88
N ALA A 78 6.95 10.13 -10.28
CA ALA A 78 8.03 9.84 -11.22
C ALA A 78 7.83 10.60 -12.54
N ARG A 79 6.60 10.60 -13.07
CA ARG A 79 6.35 11.35 -14.30
C ARG A 79 6.60 12.85 -14.11
N SER A 80 6.29 13.37 -12.92
CA SER A 80 6.47 14.80 -12.67
C SER A 80 7.93 15.22 -12.69
N GLN A 81 8.87 14.28 -12.57
CA GLN A 81 10.29 14.63 -12.67
C GLN A 81 10.65 15.12 -14.07
N GLN A 82 9.90 14.68 -15.08
CA GLN A 82 10.11 15.13 -16.45
C GLN A 82 9.08 16.16 -16.91
N GLN A 83 8.03 16.39 -16.12
CA GLN A 83 6.97 17.35 -16.47
C GLN A 83 6.74 18.25 -15.26
N ALA A 84 7.46 19.37 -15.21
CA ALA A 84 7.39 20.27 -14.07
C ALA A 84 6.00 20.84 -13.84
N GLY A 85 5.17 20.90 -14.87
CA GLY A 85 3.83 21.43 -14.67
C GLY A 85 2.78 20.42 -14.27
N LEU A 86 3.15 19.13 -14.14
CA LEU A 86 2.14 18.08 -14.03
C LEU A 86 1.34 18.20 -12.74
N LEU A 87 2.01 18.34 -11.60
CA LEU A 87 1.30 18.26 -10.32
C LEU A 87 0.26 19.37 -10.15
N ASP A 88 0.53 20.56 -10.69
CA ASP A 88 -0.40 21.68 -10.57
C ASP A 88 -1.44 21.74 -11.71
N THR A 89 -1.51 20.73 -12.57
CA THR A 89 -2.46 20.76 -13.68
C THR A 89 -3.88 20.54 -13.16
N PRO A 90 -4.84 21.42 -13.50
CA PRO A 90 -6.22 21.22 -13.05
C PRO A 90 -6.95 20.17 -13.89
N ILE A 91 -7.67 19.28 -13.20
CA ILE A 91 -8.44 18.21 -13.82
C ILE A 91 -9.92 18.39 -13.47
N ARG A 92 -10.74 18.58 -14.49
N ARG A 92 -10.76 18.60 -14.48
CA ARG A 92 -12.19 18.61 -14.35
CA ARG A 92 -12.20 18.65 -14.32
C ARG A 92 -12.76 17.25 -14.70
C ARG A 92 -12.83 17.33 -14.77
N TYR A 93 -13.91 16.93 -14.10
CA TYR A 93 -14.53 15.63 -14.29
C TYR A 93 -16.04 15.75 -14.14
N GLY A 94 -16.76 14.81 -14.74
CA GLY A 94 -18.20 14.78 -14.67
C GLY A 94 -18.74 13.94 -13.52
N LYS A 95 -20.05 14.08 -13.29
CA LYS A 95 -20.68 13.32 -12.22
C LYS A 95 -20.53 11.81 -12.44
N ASN A 96 -20.43 11.36 -13.71
CA ASN A 96 -20.25 9.94 -13.99
C ASN A 96 -18.92 9.41 -13.46
N ALA A 97 -17.97 10.27 -13.13
CA ALA A 97 -16.71 9.81 -12.54
C ALA A 97 -16.86 9.41 -11.08
N LEU A 98 -17.90 9.90 -10.40
CA LEU A 98 -18.01 9.71 -8.95
C LEU A 98 -18.60 8.35 -8.60
N VAL A 99 -17.72 7.37 -8.41
CA VAL A 99 -18.14 6.01 -8.03
C VAL A 99 -18.17 5.94 -6.51
N PRO A 100 -18.72 4.87 -5.93
CA PRO A 100 -18.77 4.79 -4.46
C PRO A 100 -17.39 4.93 -3.81
N TRP A 101 -17.39 5.54 -2.63
CA TRP A 101 -16.17 5.84 -1.85
C TRP A 101 -15.25 6.80 -2.61
N SER A 102 -15.77 8.02 -2.84
CA SER A 102 -15.03 9.12 -3.43
C SER A 102 -15.18 10.35 -2.52
N PRO A 103 -14.68 10.26 -1.29
CA PRO A 103 -15.06 11.26 -0.27
C PRO A 103 -14.51 12.64 -0.51
N ILE A 104 -13.37 12.78 -1.16
CA ILE A 104 -12.80 14.10 -1.44
C ILE A 104 -13.25 14.62 -2.79
N SER A 105 -13.11 13.80 -3.83
CA SER A 105 -13.46 14.27 -5.19
C SER A 105 -14.92 14.67 -5.30
N GLU A 106 -15.82 14.09 -4.50
CA GLU A 106 -17.22 14.51 -4.59
C GLU A 106 -17.42 15.95 -4.13
N LYS A 107 -16.51 16.49 -3.32
CA LYS A 107 -16.61 17.88 -2.82
C LYS A 107 -16.09 18.90 -3.82
N TYR A 108 -15.43 18.47 -4.90
CA TYR A 108 -14.84 19.35 -5.91
C TYR A 108 -15.38 19.03 -7.30
N LEU A 109 -16.51 18.34 -7.39
CA LEU A 109 -17.11 18.02 -8.69
C LEU A 109 -17.32 19.28 -9.52
N THR A 110 -17.77 20.35 -8.89
CA THR A 110 -18.14 21.55 -9.61
C THR A 110 -16.96 22.48 -9.85
N THR A 111 -15.76 22.13 -9.36
CA THR A 111 -14.59 23.00 -9.49
C THR A 111 -13.40 22.35 -10.19
N GLY A 112 -13.25 21.03 -10.11
CA GLY A 112 -12.02 20.36 -10.47
C GLY A 112 -11.03 20.31 -9.31
N MET A 113 -9.98 19.50 -9.48
N MET A 113 -9.98 19.49 -9.49
CA MET A 113 -8.87 19.39 -8.55
CA MET A 113 -8.88 19.31 -8.55
C MET A 113 -7.58 19.19 -9.33
C MET A 113 -7.58 19.21 -9.35
N THR A 114 -6.45 19.54 -8.71
CA THR A 114 -5.17 19.37 -9.38
C THR A 114 -4.72 17.90 -9.32
N VAL A 115 -3.75 17.55 -10.18
CA VAL A 115 -3.17 16.21 -10.17
C VAL A 115 -2.62 15.87 -8.79
N ALA A 116 -1.91 16.81 -8.16
CA ALA A 116 -1.39 16.57 -6.82
C ALA A 116 -2.51 16.33 -5.82
N GLU A 117 -3.59 17.13 -5.88
CA GLU A 117 -4.71 16.93 -4.97
C GLU A 117 -5.38 15.57 -5.18
N LEU A 118 -5.52 15.14 -6.45
CA LEU A 118 -6.09 13.82 -6.71
C LEU A 118 -5.19 12.73 -6.14
N SER A 119 -3.87 12.90 -6.26
CA SER A 119 -2.92 11.92 -5.75
C SER A 119 -3.02 11.81 -4.24
N ALA A 120 -3.05 12.96 -3.56
CA ALA A 120 -3.21 12.97 -2.11
C ALA A 120 -4.52 12.31 -1.68
N ALA A 121 -5.63 12.59 -2.38
CA ALA A 121 -6.91 11.99 -2.02
C ALA A 121 -6.88 10.47 -2.21
N ALA A 122 -6.29 10.00 -3.31
CA ALA A 122 -6.16 8.56 -3.54
C ALA A 122 -5.37 7.90 -2.42
N VAL A 123 -4.27 8.52 -1.99
CA VAL A 123 -3.44 7.93 -0.93
C VAL A 123 -4.12 8.02 0.43
N GLN A 124 -4.65 9.20 0.79
CA GLN A 124 -4.99 9.50 2.19
C GLN A 124 -6.43 9.20 2.55
N TYR A 125 -7.32 9.06 1.55
CA TYR A 125 -8.72 8.74 1.75
C TYR A 125 -9.14 7.56 0.90
N SER A 126 -8.20 6.97 0.14
CA SER A 126 -8.52 5.88 -0.78
C SER A 126 -9.64 6.28 -1.76
N ASP A 127 -9.60 7.53 -2.21
CA ASP A 127 -10.66 8.08 -3.07
C ASP A 127 -10.65 7.36 -4.43
N ASN A 128 -11.79 6.76 -4.78
CA ASN A 128 -11.87 5.92 -5.98
C ASN A 128 -11.92 6.76 -7.26
N ALA A 129 -12.76 7.82 -7.30
CA ALA A 129 -12.79 8.64 -8.52
C ALA A 129 -11.41 9.23 -8.81
N ALA A 130 -10.72 9.70 -7.77
CA ALA A 130 -9.38 10.28 -7.94
C ALA A 130 -8.41 9.24 -8.51
N ALA A 131 -8.43 8.04 -7.95
CA ALA A 131 -7.53 6.99 -8.45
C ALA A 131 -7.84 6.65 -9.91
N ASN A 132 -9.13 6.61 -10.28
CA ASN A 132 -9.48 6.25 -11.64
C ASN A 132 -9.01 7.32 -12.63
N LEU A 133 -9.15 8.59 -12.27
CA LEU A 133 -8.66 9.64 -13.15
C LEU A 133 -7.16 9.55 -13.34
N LEU A 134 -6.42 9.29 -12.25
CA LEU A 134 -4.96 9.20 -12.36
C LEU A 134 -4.53 7.98 -13.16
N LEU A 135 -5.20 6.85 -12.93
CA LEU A 135 -4.88 5.63 -13.66
C LEU A 135 -5.08 5.81 -15.16
N LYS A 136 -6.15 6.49 -15.54
CA LYS A 136 -6.37 6.78 -16.97
C LYS A 136 -5.23 7.60 -17.52
N GLU A 137 -4.79 8.61 -16.78
N GLU A 137 -4.77 8.59 -16.77
CA GLU A 137 -3.70 9.47 -17.22
CA GLU A 137 -3.72 9.48 -17.24
C GLU A 137 -2.43 8.66 -17.46
C GLU A 137 -2.35 8.80 -17.31
N LEU A 138 -2.16 7.67 -16.61
CA LEU A 138 -0.93 6.91 -16.66
C LEU A 138 -0.94 5.83 -17.76
N GLY A 139 -2.06 5.66 -18.46
CA GLY A 139 -2.17 4.55 -19.40
C GLY A 139 -2.78 3.29 -18.84
N GLY A 140 -3.54 3.37 -17.78
CA GLY A 140 -4.32 2.28 -17.27
C GLY A 140 -3.51 1.26 -16.48
N PRO A 141 -4.13 0.12 -16.15
CA PRO A 141 -3.41 -0.94 -15.39
C PRO A 141 -2.06 -1.32 -15.96
N ALA A 142 -1.93 -1.42 -17.28
CA ALA A 142 -0.64 -1.79 -17.86
C ALA A 142 0.40 -0.67 -17.67
N GLY A 143 -0.04 0.59 -17.68
CA GLY A 143 0.89 1.69 -17.43
C GLY A 143 1.44 1.69 -16.01
N LEU A 144 0.59 1.40 -15.03
CA LEU A 144 1.09 1.30 -13.65
C LEU A 144 2.01 0.09 -13.49
N THR A 145 1.61 -1.05 -14.07
CA THR A 145 2.47 -2.24 -14.03
C THR A 145 3.84 -1.94 -14.66
N ALA A 146 3.86 -1.20 -15.77
CA ALA A 146 5.13 -0.83 -16.40
C ALA A 146 5.99 0.03 -15.47
N PHE A 147 5.37 0.95 -14.72
CA PHE A 147 6.17 1.72 -13.76
C PHE A 147 6.81 0.81 -12.72
N MET A 148 6.06 -0.16 -12.21
CA MET A 148 6.62 -1.07 -11.21
C MET A 148 7.75 -1.91 -11.81
N ARG A 149 7.60 -2.36 -13.06
CA ARG A 149 8.71 -3.06 -13.71
C ARG A 149 9.95 -2.16 -13.79
N SER A 150 9.75 -0.86 -14.02
CA SER A 150 10.88 0.05 -14.19
C SER A 150 11.71 0.24 -12.93
N ILE A 151 11.14 -0.05 -11.75
CA ILE A 151 11.89 0.01 -10.49
C ILE A 151 12.40 -1.37 -10.07
N GLY A 152 12.20 -2.40 -10.90
CA GLY A 152 12.69 -3.73 -10.62
C GLY A 152 11.72 -4.69 -9.94
N ASP A 153 10.43 -4.35 -9.87
CA ASP A 153 9.42 -5.22 -9.28
C ASP A 153 8.83 -6.08 -10.38
N THR A 154 9.12 -7.38 -10.34
CA THR A 154 8.65 -8.34 -11.33
C THR A 154 7.42 -9.12 -10.88
N THR A 155 6.87 -8.81 -9.71
CA THR A 155 5.76 -9.53 -9.11
C THR A 155 4.44 -8.78 -9.27
N PHE A 156 4.44 -7.47 -9.01
CA PHE A 156 3.24 -6.65 -9.07
C PHE A 156 2.53 -6.80 -10.41
N ARG A 157 1.20 -6.94 -10.36
CA ARG A 157 0.39 -6.81 -11.58
C ARG A 157 -0.94 -6.14 -11.24
N LEU A 158 -1.23 -5.04 -11.96
CA LEU A 158 -2.59 -4.51 -12.03
C LEU A 158 -3.14 -4.83 -13.40
N ASP A 159 -4.36 -5.34 -13.43
CA ASP A 159 -4.99 -5.89 -14.62
C ASP A 159 -6.32 -5.23 -14.98
N ARG A 160 -7.09 -4.79 -14.00
CA ARG A 160 -8.40 -4.23 -14.21
C ARG A 160 -8.48 -2.85 -13.57
N TRP A 161 -9.43 -2.09 -14.09
N TRP A 161 -9.47 -2.04 -13.92
CA TRP A 161 -9.94 -0.90 -13.47
CA TRP A 161 -9.59 -0.76 -13.23
C TRP A 161 -10.88 -1.30 -12.32
C TRP A 161 -10.94 -0.51 -12.57
N GLN A 162 -11.20 -0.35 -11.47
N GLN A 162 -12.01 -1.14 -13.05
CA GLN A 162 -12.20 -0.61 -10.44
CA GLN A 162 -13.32 -0.92 -12.45
C GLN A 162 -13.53 -0.93 -11.13
C GLN A 162 -13.33 -1.48 -11.04
N LEU A 163 -14.50 -1.52 -10.40
CA LEU A 163 -14.44 -1.97 -9.02
C LEU A 163 -14.12 -3.46 -9.01
N GLU A 164 -14.21 -4.13 -10.16
CA GLU A 164 -13.96 -5.57 -10.20
C GLU A 164 -12.51 -5.93 -9.89
N LEU A 165 -11.57 -4.97 -9.91
CA LEU A 165 -10.21 -5.31 -9.48
C LEU A 165 -10.17 -5.77 -8.03
N ASN A 166 -11.22 -5.47 -7.24
CA ASN A 166 -11.30 -5.86 -5.84
C ASN A 166 -12.03 -7.19 -5.62
N SER A 167 -12.26 -7.98 -6.67
CA SER A 167 -13.08 -9.20 -6.53
C SER A 167 -12.42 -10.27 -5.64
N ALA A 168 -11.09 -10.30 -5.56
CA ALA A 168 -10.36 -11.13 -4.58
C ALA A 168 -10.70 -12.62 -4.71
N ILE A 169 -10.91 -13.08 -5.93
CA ILE A 169 -11.32 -14.47 -6.16
C ILE A 169 -10.18 -15.42 -5.79
N PRO A 170 -10.45 -16.46 -5.00
CA PRO A 170 -9.38 -17.40 -4.64
C PRO A 170 -8.70 -18.00 -5.86
N GLY A 171 -7.36 -17.96 -5.85
CA GLY A 171 -6.54 -18.49 -6.94
C GLY A 171 -6.33 -17.56 -8.12
N ASP A 172 -7.00 -16.42 -8.17
CA ASP A 172 -6.89 -15.49 -9.30
C ASP A 172 -5.69 -14.58 -9.10
N ALA A 173 -4.73 -14.62 -10.01
CA ALA A 173 -3.54 -13.79 -9.90
C ALA A 173 -3.75 -12.35 -10.36
N ARG A 174 -4.87 -12.02 -11.01
CA ARG A 174 -5.06 -10.64 -11.45
C ARG A 174 -5.08 -9.70 -10.24
N ASP A 175 -4.47 -8.51 -10.40
CA ASP A 175 -4.56 -7.45 -9.39
C ASP A 175 -4.00 -7.92 -8.04
N THR A 176 -2.83 -8.57 -8.10
CA THR A 176 -2.16 -9.06 -6.90
C THR A 176 -0.68 -8.66 -6.87
N SER A 177 -0.10 -8.76 -5.68
CA SER A 177 1.35 -8.80 -5.54
C SER A 177 1.67 -9.69 -4.34
N SER A 178 2.94 -9.70 -3.91
CA SER A 178 3.32 -10.44 -2.71
C SER A 178 3.74 -9.47 -1.62
N PRO A 179 3.63 -9.87 -0.34
CA PRO A 179 4.11 -8.99 0.73
C PRO A 179 5.56 -8.59 0.56
N ARG A 180 6.40 -9.52 0.11
CA ARG A 180 7.81 -9.23 -0.10
C ARG A 180 8.02 -8.17 -1.18
N ALA A 181 7.38 -8.32 -2.34
CA ALA A 181 7.58 -7.35 -3.42
C ALA A 181 7.03 -5.98 -3.06
N VAL A 182 5.88 -5.93 -2.36
CA VAL A 182 5.33 -4.67 -1.86
C VAL A 182 6.34 -3.97 -0.96
N THR A 183 6.94 -4.70 -0.01
CA THR A 183 7.92 -4.08 0.89
C THR A 183 9.16 -3.63 0.13
N GLU A 184 9.67 -4.46 -0.77
CA GLU A 184 10.88 -4.10 -1.52
C GLU A 184 10.64 -2.85 -2.35
N SER A 185 9.49 -2.77 -3.01
CA SER A 185 9.20 -1.59 -3.82
C SER A 185 8.96 -0.36 -2.96
N LEU A 186 8.25 -0.52 -1.84
CA LEU A 186 8.05 0.61 -0.92
C LEU A 186 9.38 1.15 -0.44
N GLN A 187 10.33 0.27 -0.12
N GLN A 187 10.34 0.29 -0.11
N GLN A 187 10.34 0.27 -0.11
CA GLN A 187 11.66 0.71 0.33
CA GLN A 187 11.63 0.78 0.34
CA GLN A 187 11.65 0.73 0.34
C GLN A 187 12.35 1.53 -0.75
C GLN A 187 12.32 1.58 -0.76
C GLN A 187 12.36 1.54 -0.75
N LYS A 188 12.31 1.06 -2.00
CA LYS A 188 12.98 1.75 -3.08
C LYS A 188 12.42 3.17 -3.28
N LEU A 189 11.10 3.30 -3.16
CA LEU A 189 10.41 4.57 -3.42
C LEU A 189 10.51 5.56 -2.26
N THR A 190 10.52 5.10 -1.02
CA THR A 190 10.51 6.01 0.14
C THR A 190 11.89 6.26 0.73
N LEU A 191 12.85 5.33 0.56
CA LEU A 191 14.15 5.42 1.20
C LEU A 191 15.29 5.31 0.19
N GLY A 192 15.06 4.60 -0.91
CA GLY A 192 16.06 4.39 -1.94
C GLY A 192 16.07 5.48 -2.98
N SER A 193 16.51 5.13 -4.19
CA SER A 193 16.77 6.10 -5.24
C SER A 193 15.80 6.02 -6.42
N ALA A 194 14.68 5.32 -6.28
CA ALA A 194 13.75 5.18 -7.39
C ALA A 194 13.10 6.51 -7.76
N LEU A 195 12.89 7.40 -6.79
CA LEU A 195 12.42 8.75 -7.03
C LEU A 195 13.54 9.74 -6.69
N ALA A 196 13.54 10.87 -7.39
CA ALA A 196 14.42 11.97 -7.01
C ALA A 196 14.03 12.49 -5.63
N ALA A 197 14.98 13.15 -4.96
CA ALA A 197 14.78 13.47 -3.54
C ALA A 197 13.54 14.30 -3.25
N PRO A 198 13.20 15.35 -4.00
CA PRO A 198 11.98 16.10 -3.66
C PRO A 198 10.73 15.26 -3.79
N GLN A 199 10.65 14.47 -4.86
CA GLN A 199 9.51 13.58 -5.08
C GLN A 199 9.44 12.48 -4.03
N ARG A 200 10.60 11.94 -3.64
N ARG A 200 10.60 11.94 -3.62
CA ARG A 200 10.64 10.95 -2.56
CA ARG A 200 10.61 10.94 -2.56
C ARG A 200 10.00 11.50 -1.29
C ARG A 200 9.99 11.50 -1.28
N GLN A 201 10.39 12.72 -0.89
CA GLN A 201 9.83 13.30 0.33
C GLN A 201 8.34 13.60 0.19
N GLN A 202 7.90 14.01 -1.00
CA GLN A 202 6.46 14.20 -1.20
C GLN A 202 5.69 12.89 -1.04
N PHE A 203 6.22 11.79 -1.60
CA PHE A 203 5.56 10.49 -1.43
C PHE A 203 5.47 10.12 0.06
N VAL A 204 6.59 10.25 0.79
CA VAL A 204 6.58 10.02 2.24
C VAL A 204 5.53 10.89 2.93
N ASP A 205 5.47 12.18 2.58
CA ASP A 205 4.52 13.07 3.25
C ASP A 205 3.06 12.66 2.97
N TRP A 206 2.75 12.23 1.75
CA TRP A 206 1.40 11.75 1.47
C TRP A 206 1.07 10.52 2.33
N LEU A 207 2.00 9.56 2.40
CA LEU A 207 1.77 8.37 3.23
C LEU A 207 1.61 8.73 4.71
N LYS A 208 2.42 9.67 5.21
CA LYS A 208 2.33 10.07 6.60
C LYS A 208 0.95 10.65 6.94
N GLY A 209 0.33 11.33 5.96
CA GLY A 209 -0.98 11.91 6.15
C GLY A 209 -2.15 10.99 5.91
N ASN A 210 -1.91 9.69 5.72
CA ASN A 210 -3.04 8.80 5.49
C ASN A 210 -3.99 8.81 6.70
N THR A 211 -5.31 8.74 6.41
CA THR A 211 -6.35 8.80 7.43
C THR A 211 -7.06 7.46 7.68
N THR A 212 -6.78 6.42 6.88
CA THR A 212 -7.58 5.20 6.89
C THR A 212 -6.91 4.04 7.63
N GLY A 213 -5.71 4.24 8.20
CA GLY A 213 -4.95 3.14 8.75
C GLY A 213 -4.76 3.12 10.25
N ASN A 214 -5.57 3.88 11.01
CA ASN A 214 -5.30 4.02 12.44
C ASN A 214 -5.46 2.72 13.22
N HIS A 215 -6.16 1.72 12.68
CA HIS A 215 -6.41 0.48 13.40
C HIS A 215 -5.58 -0.68 12.84
N ARG A 216 -4.58 -0.38 11.99
CA ARG A 216 -3.80 -1.42 11.33
C ARG A 216 -2.34 -1.30 11.80
N ILE A 217 -1.37 -1.15 10.91
CA ILE A 217 0.04 -1.12 11.33
C ILE A 217 0.26 -0.02 12.37
N ARG A 218 -0.35 1.16 12.18
CA ARG A 218 -0.18 2.26 13.12
C ARG A 218 -0.54 1.88 14.56
N ALA A 219 -1.51 0.98 14.74
CA ALA A 219 -1.91 0.57 16.08
C ALA A 219 -0.82 -0.21 16.79
N ALA A 220 0.18 -0.71 16.06
CA ALA A 220 1.30 -1.43 16.66
C ALA A 220 2.54 -0.56 16.85
N VAL A 221 2.48 0.69 16.44
CA VAL A 221 3.65 1.59 16.39
C VAL A 221 3.50 2.65 17.47
N PRO A 222 4.48 2.83 18.36
CA PRO A 222 4.37 3.89 19.39
C PRO A 222 4.12 5.26 18.78
N ALA A 223 3.36 6.05 19.54
CA ALA A 223 2.94 7.37 19.05
C ALA A 223 4.08 8.33 18.81
N ASP A 224 5.24 8.14 19.44
CA ASP A 224 6.36 9.05 19.24
C ASP A 224 7.27 8.65 18.07
N TRP A 225 6.87 7.66 17.25
CA TRP A 225 7.59 7.30 16.04
C TRP A 225 6.83 7.79 14.80
N ALA A 226 7.56 8.24 13.79
CA ALA A 226 6.92 8.62 12.53
C ALA A 226 6.55 7.38 11.70
N VAL A 227 5.46 7.50 10.94
CA VAL A 227 4.93 6.38 10.17
C VAL A 227 4.08 6.91 9.00
N GLY A 228 4.23 6.26 7.85
CA GLY A 228 3.32 6.46 6.75
C GLY A 228 2.85 5.12 6.23
N ASP A 229 1.62 5.09 5.70
CA ASP A 229 1.03 3.81 5.27
C ASP A 229 -0.03 4.02 4.19
N LYS A 230 -0.37 2.90 3.50
CA LYS A 230 -1.53 2.80 2.63
C LYS A 230 -2.24 1.47 2.89
N THR A 231 -3.57 1.55 3.03
CA THR A 231 -4.44 0.42 3.32
C THR A 231 -5.15 -0.09 2.07
N GLY A 232 -5.72 -1.29 2.20
CA GLY A 232 -6.66 -1.84 1.24
C GLY A 232 -7.72 -2.71 1.90
N THR A 233 -8.97 -2.64 1.41
CA THR A 233 -10.08 -3.43 1.95
C THR A 233 -10.98 -3.83 0.78
N CYS A 234 -10.88 -5.09 0.33
CA CYS A 234 -11.64 -5.51 -0.84
C CYS A 234 -13.13 -5.66 -0.58
N GLY A 235 -13.53 -5.98 0.65
CA GLY A 235 -14.93 -6.15 0.99
C GLY A 235 -15.47 -7.57 0.84
N VAL A 236 -14.63 -8.52 0.46
CA VAL A 236 -15.01 -9.92 0.24
C VAL A 236 -13.82 -10.79 0.61
N TYR A 237 -14.09 -12.07 0.86
CA TYR A 237 -13.05 -13.08 1.03
C TYR A 237 -12.04 -12.70 2.12
N GLY A 238 -12.53 -12.08 3.21
CA GLY A 238 -11.67 -11.68 4.30
C GLY A 238 -10.40 -10.96 3.88
N THR A 239 -10.44 -10.18 2.80
CA THR A 239 -9.23 -9.69 2.15
C THR A 239 -9.03 -8.20 2.46
N ALA A 240 -7.94 -7.90 3.17
CA ALA A 240 -7.57 -6.54 3.54
C ALA A 240 -6.07 -6.50 3.82
N ASN A 241 -5.51 -5.30 3.86
CA ASN A 241 -4.05 -5.18 3.89
C ASN A 241 -3.62 -3.78 4.34
N ASP A 242 -2.31 -3.65 4.57
CA ASP A 242 -1.66 -2.38 4.90
C ASP A 242 -0.17 -2.55 4.65
N TYR A 243 0.48 -1.49 4.15
CA TYR A 243 1.94 -1.43 4.09
C TYR A 243 2.41 -0.09 4.65
N ALA A 244 3.62 -0.08 5.21
CA ALA A 244 4.08 1.10 5.93
C ALA A 244 5.60 1.21 5.96
N VAL A 245 6.08 2.46 6.04
N VAL A 245 6.06 2.45 6.12
CA VAL A 245 7.43 2.76 6.50
CA VAL A 245 7.44 2.77 6.48
C VAL A 245 7.32 3.35 7.90
C VAL A 245 7.41 3.45 7.85
N VAL A 246 8.20 2.92 8.78
CA VAL A 246 8.20 3.32 10.18
C VAL A 246 9.60 3.80 10.54
N TRP A 247 9.67 4.94 11.25
CA TRP A 247 10.94 5.51 11.71
C TRP A 247 11.01 5.44 13.23
N PRO A 248 11.49 4.34 13.82
CA PRO A 248 11.72 4.35 15.27
C PRO A 248 12.81 5.35 15.59
N THR A 249 12.76 5.96 16.77
CA THR A 249 13.80 6.92 17.10
C THR A 249 15.10 6.18 17.41
N GLY A 250 16.21 6.76 16.99
CA GLY A 250 17.50 6.22 17.37
C GLY A 250 18.00 5.01 16.58
N ARG A 251 17.27 4.57 15.55
CA ARG A 251 17.71 3.44 14.73
C ARG A 251 17.16 3.60 13.32
N ALA A 252 17.58 2.70 12.44
CA ALA A 252 17.20 2.80 11.03
C ALA A 252 15.72 2.49 10.82
N PRO A 253 15.12 3.00 9.75
CA PRO A 253 13.70 2.72 9.52
C PRO A 253 13.42 1.27 9.19
N ILE A 254 12.15 0.90 9.41
CA ILE A 254 11.60 -0.43 9.12
C ILE A 254 10.55 -0.28 8.03
N VAL A 255 10.55 -1.19 7.05
CA VAL A 255 9.52 -1.24 6.00
C VAL A 255 8.81 -2.58 6.14
N LEU A 256 7.47 -2.57 6.07
CA LEU A 256 6.72 -3.82 6.22
C LEU A 256 5.38 -3.80 5.48
N ALA A 257 4.90 -5.01 5.20
CA ALA A 257 3.62 -5.24 4.53
C ALA A 257 2.92 -6.40 5.21
N VAL A 258 1.59 -6.24 5.41
CA VAL A 258 0.71 -7.27 5.99
C VAL A 258 -0.53 -7.40 5.11
N TYR A 259 -0.74 -8.59 4.52
CA TYR A 259 -1.87 -8.86 3.63
C TYR A 259 -2.65 -10.05 4.16
N THR A 260 -3.98 -10.01 4.03
CA THR A 260 -4.81 -11.14 4.45
C THR A 260 -5.80 -11.56 3.37
N ARG A 261 -6.21 -12.82 3.42
N ARG A 261 -6.29 -12.78 3.52
CA ARG A 261 -7.34 -13.31 2.65
CA ARG A 261 -7.30 -13.36 2.65
C ARG A 261 -7.93 -14.52 3.38
C ARG A 261 -7.95 -14.51 3.41
N ALA A 262 -9.08 -15.00 2.90
CA ALA A 262 -9.80 -16.09 3.55
C ALA A 262 -10.60 -16.85 2.50
N PRO A 263 -11.02 -18.10 2.80
CA PRO A 263 -11.56 -18.96 1.73
C PRO A 263 -12.98 -18.67 1.26
N ASN A 264 -13.85 -18.09 2.10
CA ASN A 264 -15.25 -17.91 1.76
C ASN A 264 -15.57 -16.47 1.41
N LYS A 265 -16.46 -16.28 0.45
CA LYS A 265 -16.75 -14.93 -0.03
C LYS A 265 -17.23 -14.02 1.11
N ASP A 266 -18.06 -14.53 2.01
CA ASP A 266 -18.57 -13.68 3.07
C ASP A 266 -17.74 -13.73 4.37
N ASP A 267 -16.54 -14.30 4.34
CA ASP A 267 -15.65 -14.17 5.49
C ASP A 267 -15.28 -12.70 5.69
N LYS A 268 -15.28 -12.26 6.93
CA LYS A 268 -15.01 -10.86 7.23
C LYS A 268 -13.52 -10.60 7.40
N HIS A 269 -13.08 -9.42 6.97
CA HIS A 269 -11.73 -8.98 7.27
C HIS A 269 -11.63 -8.55 8.73
N SER A 270 -10.39 -8.42 9.20
CA SER A 270 -10.12 -7.99 10.58
C SER A 270 -8.98 -6.98 10.61
N GLU A 271 -9.26 -5.79 11.12
CA GLU A 271 -8.19 -4.82 11.36
C GLU A 271 -7.30 -5.29 12.51
N ALA A 272 -7.89 -5.88 13.54
CA ALA A 272 -7.11 -6.32 14.70
C ALA A 272 -6.07 -7.35 14.31
N VAL A 273 -6.38 -8.22 13.35
N VAL A 273 -6.37 -8.24 13.35
CA VAL A 273 -5.42 -9.24 12.93
CA VAL A 273 -5.38 -9.24 12.97
C VAL A 273 -4.23 -8.60 12.23
C VAL A 273 -4.21 -8.59 12.23
N ILE A 274 -4.47 -7.55 11.45
CA ILE A 274 -3.38 -6.83 10.78
C ILE A 274 -2.47 -6.15 11.81
N ALA A 275 -3.06 -5.49 12.82
CA ALA A 275 -2.27 -4.86 13.87
C ALA A 275 -1.47 -5.91 14.63
N ALA A 276 -2.09 -7.05 14.93
CA ALA A 276 -1.39 -8.08 15.68
C ALA A 276 -0.22 -8.67 14.89
N ALA A 277 -0.40 -8.86 13.57
CA ALA A 277 0.70 -9.35 12.75
C ALA A 277 1.85 -8.35 12.69
N ALA A 278 1.51 -7.06 12.61
CA ALA A 278 2.55 -6.02 12.63
C ALA A 278 3.34 -6.05 13.94
N ARG A 279 2.64 -6.26 15.06
N ARG A 279 2.64 -6.25 15.06
CA ARG A 279 3.30 -6.36 16.36
CA ARG A 279 3.33 -6.37 16.35
C ARG A 279 4.27 -7.55 16.39
C ARG A 279 4.29 -7.54 16.35
N LEU A 280 3.85 -8.70 15.86
CA LEU A 280 4.74 -9.86 15.80
C LEU A 280 5.95 -9.58 14.91
N ALA A 281 5.75 -8.87 13.81
CA ALA A 281 6.88 -8.55 12.94
C ALA A 281 7.90 -7.67 13.63
N LEU A 282 7.45 -6.63 14.33
CA LEU A 282 8.39 -5.78 15.03
C LEU A 282 9.11 -6.54 16.13
N GLU A 283 8.39 -7.43 16.85
CA GLU A 283 9.04 -8.25 17.86
C GLU A 283 10.10 -9.16 17.24
N GLY A 284 9.79 -9.74 16.06
CA GLY A 284 10.75 -10.62 15.40
C GLY A 284 12.02 -9.92 14.97
N LEU A 285 11.94 -8.63 14.70
CA LEU A 285 13.12 -7.83 14.37
C LEU A 285 13.84 -7.29 15.59
N GLY A 286 13.31 -7.53 16.79
CA GLY A 286 13.95 -7.02 17.99
C GLY A 286 13.77 -5.54 18.19
N VAL A 287 12.74 -4.96 17.60
CA VAL A 287 12.45 -3.54 17.72
C VAL A 287 11.55 -3.38 18.94
N ASN A 288 12.07 -2.71 19.97
CA ASN A 288 11.30 -2.47 21.19
C ASN A 288 10.22 -1.44 20.92
N GLY A 289 8.96 -1.81 21.14
CA GLY A 289 7.83 -0.96 20.82
C GLY A 289 6.83 -0.87 21.96
C10 R0B B . -15.19 -0.38 5.70
C17 R0B B . -12.52 -0.88 -3.17
C13 R0B B . -11.40 1.55 -0.38
C15 R0B B . -12.19 0.44 -2.53
C18 R0B B . -9.98 -0.17 -1.43
C02 R0B B . -8.99 1.23 2.53
C04 R0B B . -10.30 1.29 1.63
C05 R0B B . -11.67 1.29 2.22
C07 R0B B . -12.15 1.03 3.46
C08 R0B B . -13.60 0.82 3.88
C09 R0B B . -13.75 -0.12 5.13
C14 R0B B . -11.42 0.23 -1.18
N12 R0B B . -10.19 1.66 0.41
O01 R0B B . -8.03 1.89 2.19
O03 R0B B . -9.13 0.46 3.52
O16 R0B B . -13.40 1.15 -2.24
O19 R0B B . -9.50 -1.19 -0.96
S06 R0B B . -12.78 1.61 0.85
H102 R0B B . -15.88 -0.17 5.05
H101 R0B B . -15.37 0.17 6.48
H171 R0B B . -11.83 -1.17 -3.77
H172 R0B B . -13.34 -0.83 -3.68
H173 R0B B . -12.64 -1.58 -2.51
H131 R0B B . -11.69 2.26 -0.96
H151 R0B B . -11.66 0.95 -3.17
H071 R0B B . -11.49 0.97 4.12
H082 R0B B . -14.03 1.67 4.06
H081 R0B B . -14.12 0.47 3.14
H091 R0B B . -13.36 -0.98 4.92
H092 R0B B . -13.21 0.24 5.85
H141 R0B B . -11.83 -0.48 -0.66
H161 R0B B . -14.06 0.64 -2.41
C1 GOL C . 11.25 10.95 8.32
O1 GOL C . 10.12 11.03 9.18
C2 GOL C . 10.78 11.19 6.87
O2 GOL C . 10.13 12.40 6.69
C3 GOL C . 12.06 11.10 5.99
O3 GOL C . 11.63 10.81 4.68
H11 GOL C . 11.70 10.09 8.37
H12 GOL C . 11.92 11.60 8.55
HO1 GOL C . 10.27 10.50 9.83
H2 GOL C . 10.14 10.50 6.65
HO2 GOL C . 10.71 13.02 6.76
H31 GOL C . 12.65 10.44 6.37
H32 GOL C . 12.54 11.94 6.06
HO3 GOL C . 11.53 11.54 4.27
S SO4 D . 1.06 4.48 22.16
O1 SO4 D . 0.30 4.44 23.40
O2 SO4 D . 1.74 3.20 21.99
O3 SO4 D . 0.15 4.70 21.05
O4 SO4 D . 2.06 5.55 22.20
S SO4 E . -11.99 -5.50 13.52
O1 SO4 E . -10.67 -5.54 14.15
O2 SO4 E . -12.72 -6.72 13.90
O3 SO4 E . -12.73 -4.34 14.00
O4 SO4 E . -11.90 -5.42 12.05
S SO4 F . -16.37 -7.24 6.12
O1 SO4 F . -17.25 -8.35 5.76
O2 SO4 F . -15.15 -7.76 6.72
O3 SO4 F . -17.04 -6.37 7.09
O4 SO4 F . -16.04 -6.47 4.91
S SO4 G . -0.04 -24.27 3.62
O1 SO4 G . 1.23 -23.58 3.61
O2 SO4 G . 0.19 -25.68 3.88
O3 SO4 G . -0.67 -24.12 2.31
O4 SO4 G . -0.93 -23.73 4.64
C1 GOL H . -3.53 -16.20 -4.42
O1 GOL H . -3.29 -17.14 -3.44
C2 GOL H . -5.07 -15.82 -4.40
O2 GOL H . -5.84 -16.75 -3.68
C3 GOL H . -5.16 -14.34 -3.85
O3 GOL H . -6.50 -14.08 -3.50
H11 GOL H . -3.31 -16.53 -5.31
H12 GOL H . -3.01 -15.39 -4.29
HO1 GOL H . -3.17 -17.89 -3.83
H2 GOL H . -5.44 -15.84 -5.30
HO2 GOL H . -5.39 -17.46 -3.64
H31 GOL H . -4.82 -13.74 -4.55
H32 GOL H . -4.54 -14.25 -3.11
HO3 GOL H . -6.90 -14.83 -3.53
#